data_5USB
#
_entry.id   5USB
#
_cell.length_a   41.290
_cell.length_b   58.010
_cell.length_c   65.910
_cell.angle_alpha   90.00
_cell.angle_beta   90.00
_cell.angle_gamma   90.00
#
_symmetry.space_group_name_H-M   'P 21 21 21'
#
loop_
_entity.id
_entity.type
_entity.pdbx_description
1 polymer 'Protection of telomeres protein 1'
2 polymer "G1R_9mer DNA/RNA (5'-R(*G)-D(P*GP*TP*TP*AP*CP*GP*GP*T)-3')"
3 water water
#
loop_
_entity_poly.entity_id
_entity_poly.type
_entity_poly.pdbx_seq_one_letter_code
_entity_poly.pdbx_strand_id
1 'polypeptide(L)'
;DSFSLLSQITPHQRCSFYAQVIKTWYSDKNFTLYVTDYTENELFFPMSPYTSSSRWRGPFGRFSIRCILWDEHDFYCRNY
IKEGDYVVMKNVRTKIDHLGYLECILHGDSAKRYNMSIEKVDSEEPELNEIKSRKRLYV
;
A
2 'polydeoxyribonucleotide/polyribonucleotide hybrid' G(DG)(DT)(DT)(DA)(DC)(DG)(DG)(DT) B
#
# COMPACT_ATOMS: atom_id res chain seq x y z
N ASP A 1 5.33 -17.62 1.56
CA ASP A 1 5.52 -18.16 2.88
C ASP A 1 4.55 -17.62 4.00
N SER A 2 4.57 -16.34 4.39
CA SER A 2 3.80 -15.76 5.49
C SER A 2 3.67 -14.22 5.35
N PHE A 3 2.93 -13.58 6.24
CA PHE A 3 2.75 -12.15 6.19
C PHE A 3 3.88 -11.38 6.86
N SER A 4 4.19 -10.21 6.30
CA SER A 4 5.18 -9.28 6.85
C SER A 4 4.50 -7.98 7.25
N LEU A 5 5.07 -7.27 8.23
CA LEU A 5 4.78 -5.86 8.37
C LEU A 5 5.49 -5.09 7.26
N LEU A 6 4.94 -3.93 6.91
CA LEU A 6 5.57 -3.18 5.82
C LEU A 6 6.96 -2.72 6.18
N SER A 7 7.24 -2.54 7.48
CA SER A 7 8.59 -2.18 7.90
C SER A 7 9.60 -3.29 7.63
N GLN A 8 9.14 -4.50 7.41
CA GLN A 8 10.01 -5.68 7.21
C GLN A 8 10.24 -6.01 5.74
N ILE A 9 9.50 -5.38 4.82
CA ILE A 9 9.70 -5.78 3.44
C ILE A 9 10.94 -5.12 2.87
N THR A 10 11.56 -5.80 1.94
CA THR A 10 12.78 -5.35 1.30
C THR A 10 12.61 -5.42 -0.19
N PRO A 11 13.52 -4.84 -0.94
CA PRO A 11 13.36 -4.81 -2.39
C PRO A 11 13.57 -6.19 -3.00
N HIS A 12 12.87 -6.44 -4.11
CA HIS A 12 13.11 -7.61 -4.94
C HIS A 12 12.80 -8.91 -4.20
N GLN A 13 11.65 -8.91 -3.53
CA GLN A 13 11.16 -10.11 -2.90
C GLN A 13 9.67 -10.22 -3.18
N ARG A 14 9.16 -11.42 -2.98
CA ARG A 14 7.74 -11.64 -2.92
C ARG A 14 7.29 -11.48 -1.46
N CYS A 15 6.20 -10.76 -1.23
CA CYS A 15 5.75 -10.60 0.14
C CYS A 15 4.23 -10.53 0.17
N SER A 16 3.70 -10.64 1.38
CA SER A 16 2.30 -10.54 1.68
C SER A 16 2.07 -9.69 2.91
N PHE A 17 1.01 -8.88 2.88
CA PHE A 17 0.76 -7.96 4.00
C PHE A 17 -0.69 -7.49 3.99
N TYR A 18 -1.11 -7.00 5.15
CA TYR A 18 -2.36 -6.30 5.35
C TYR A 18 -2.06 -4.81 5.40
N ALA A 19 -2.93 -3.99 4.86
CA ALA A 19 -2.69 -2.55 4.85
C ALA A 19 -3.99 -1.80 4.68
N GLN A 20 -3.94 -0.52 5.01
CA GLN A 20 -5.03 0.40 4.76
C GLN A 20 -4.69 1.30 3.57
N VAL A 21 -5.68 1.49 2.71
CA VAL A 21 -5.51 2.31 1.51
C VAL A 21 -5.66 3.77 1.88
N ILE A 22 -4.63 4.55 1.57
CA ILE A 22 -4.63 5.97 1.83
C ILE A 22 -5.06 6.77 0.62
N LYS A 23 -4.60 6.36 -0.54
CA LYS A 23 -4.83 7.10 -1.78
C LYS A 23 -4.96 6.13 -2.94
N THR A 24 -5.86 6.46 -3.86
CA THR A 24 -5.97 5.75 -5.12
C THR A 24 -5.85 6.74 -6.27
N TRP A 25 -5.37 6.25 -7.41
CA TRP A 25 -5.30 7.05 -8.62
C TRP A 25 -5.44 6.14 -9.83
N TYR A 26 -6.52 6.33 -10.59
CA TYR A 26 -6.69 5.58 -11.81
C TYR A 26 -6.20 6.40 -12.98
N SER A 27 -5.71 5.68 -14.00
CA SER A 27 -5.36 6.30 -15.27
C SER A 27 -5.72 5.35 -16.39
N ASP A 28 -5.48 5.80 -17.62
CA ASP A 28 -5.72 4.95 -18.78
C ASP A 28 -4.70 3.84 -18.95
N LYS A 29 -3.59 3.86 -18.21
CA LYS A 29 -2.57 2.84 -18.32
C LYS A 29 -2.61 1.83 -17.16
N ASN A 30 -2.92 2.29 -15.95
CA ASN A 30 -2.83 1.41 -14.80
C ASN A 30 -3.64 2.03 -13.65
N PHE A 31 -3.66 1.31 -12.53
CA PHE A 31 -4.30 1.78 -11.30
C PHE A 31 -3.26 1.80 -10.18
N THR A 32 -3.24 2.87 -9.39
CA THR A 32 -2.22 3.02 -8.36
C THR A 32 -2.88 3.11 -7.00
N LEU A 33 -2.30 2.42 -6.03
CA LEU A 33 -2.71 2.48 -4.63
C LEU A 33 -1.53 2.96 -3.79
N TYR A 34 -1.81 3.72 -2.76
CA TYR A 34 -0.82 4.04 -1.74
C TYR A 34 -1.35 3.48 -0.45
N VAL A 35 -0.59 2.57 0.17
CA VAL A 35 -1.08 1.85 1.34
C VAL A 35 -0.08 1.93 2.49
N THR A 36 -0.60 1.72 3.69
CA THR A 36 0.19 1.80 4.92
C THR A 36 -0.30 0.78 5.93
N ASP A 37 0.62 0.33 6.80
CA ASP A 37 0.18 -0.36 8.02
C ASP A 37 0.67 0.40 9.26
N TYR A 38 1.07 1.65 9.06
CA TYR A 38 1.57 2.55 10.11
C TYR A 38 2.85 2.02 10.73
N THR A 39 3.68 1.33 9.93
CA THR A 39 5.05 0.98 10.29
C THR A 39 5.98 1.61 9.26
N GLU A 40 7.14 2.04 9.71
CA GLU A 40 8.07 2.83 8.90
C GLU A 40 9.06 1.94 8.17
N ASN A 41 9.35 2.30 6.91
CA ASN A 41 10.34 1.60 6.10
C ASN A 41 11.31 2.61 5.51
N GLU A 42 12.61 2.39 5.72
CA GLU A 42 13.59 3.39 5.33
C GLU A 42 13.67 3.61 3.83
N LEU A 43 13.07 2.74 2.97
CA LEU A 43 13.07 2.92 1.54
C LEU A 43 11.74 3.46 0.99
N PHE A 44 10.75 3.72 1.86
CA PHE A 44 9.54 4.38 1.40
C PHE A 44 9.82 5.88 1.17
N PHE A 45 8.99 6.50 0.34
CA PHE A 45 9.15 7.92 0.08
C PHE A 45 8.76 8.73 1.31
N PRO A 46 9.53 9.76 1.68
CA PRO A 46 9.12 10.59 2.81
C PRO A 46 8.05 11.60 2.43
N MET A 47 6.80 11.32 2.84
CA MET A 47 5.70 12.20 2.49
C MET A 47 5.76 13.49 3.32
N SER A 48 5.75 14.60 2.63
CA SER A 48 5.97 15.90 3.27
C SER A 48 4.66 16.51 3.79
N PRO A 49 4.63 16.97 5.05
CA PRO A 49 3.49 17.76 5.55
C PRO A 49 3.44 19.19 5.02
N TYR A 50 4.42 19.64 4.24
CA TYR A 50 4.56 21.04 3.87
C TYR A 50 4.09 21.36 2.45
N THR A 51 3.67 20.35 1.70
CA THR A 51 3.30 20.53 0.32
C THR A 51 2.24 21.61 0.22
N SER A 52 2.44 22.54 -0.71
CA SER A 52 1.54 23.69 -0.82
C SER A 52 0.09 23.23 -0.94
N SER A 53 -0.16 22.30 -1.85
CA SER A 53 -1.48 21.80 -2.11
C SER A 53 -1.40 20.29 -2.13
N SER A 54 -2.13 19.64 -1.24
CA SER A 54 -2.24 18.20 -1.29
C SER A 54 -3.44 17.75 -0.50
N ARG A 55 -4.10 16.70 -1.00
CA ARG A 55 -5.20 16.04 -0.30
C ARG A 55 -4.74 14.92 0.64
N TRP A 56 -3.44 14.66 0.69
N TRP A 56 -3.46 14.58 0.67
CA TRP A 56 -2.87 13.70 1.63
CA TRP A 56 -3.00 13.39 1.37
C TRP A 56 -2.85 14.28 3.04
C TRP A 56 -3.58 13.26 2.77
N ARG A 57 -3.54 13.59 3.97
N ARG A 57 -4.34 12.17 3.01
CA ARG A 57 -3.65 14.02 5.36
CA ARG A 57 -4.89 11.81 4.31
C ARG A 57 -2.67 13.30 6.27
C ARG A 57 -4.13 10.68 4.98
N GLY A 58 -1.91 12.36 5.75
N GLY A 58 -2.84 10.56 4.71
CA GLY A 58 -1.05 11.52 6.56
CA GLY A 58 -2.05 9.49 5.28
C GLY A 58 -1.17 10.11 6.03
C GLY A 58 -0.97 9.97 6.21
N PRO A 59 -0.28 9.22 6.50
N PRO A 59 -0.19 9.04 6.72
CA PRO A 59 0.80 9.54 7.43
CA PRO A 59 0.94 9.40 7.57
C PRO A 59 1.97 10.26 6.74
C PRO A 59 2.02 10.16 6.79
N PHE A 60 2.78 11.00 7.50
CA PHE A 60 3.90 11.71 6.92
C PHE A 60 5.21 10.95 7.19
N GLY A 61 6.24 11.26 6.40
CA GLY A 61 7.45 10.47 6.46
C GLY A 61 7.28 9.17 5.70
N ARG A 62 8.18 8.22 6.00
CA ARG A 62 8.36 6.99 5.21
C ARG A 62 7.46 5.87 5.71
N PHE A 63 6.15 6.07 5.59
CA PHE A 63 5.16 5.18 6.16
C PHE A 63 4.18 4.55 5.15
N SER A 64 4.28 4.88 3.87
CA SER A 64 3.36 4.33 2.87
C SER A 64 4.14 3.86 1.65
N ILE A 65 3.58 2.87 0.95
CA ILE A 65 4.18 2.31 -0.26
C ILE A 65 3.21 2.45 -1.42
N ARG A 66 3.73 2.80 -2.59
CA ARG A 66 2.97 2.88 -3.82
CA ARG A 66 2.93 2.86 -3.79
C ARG A 66 2.87 1.49 -4.43
N CYS A 67 1.67 1.11 -4.87
CA CYS A 67 1.46 -0.18 -5.55
C CYS A 67 0.93 0.16 -6.93
N ILE A 68 1.57 -0.37 -7.99
CA ILE A 68 1.10 -0.19 -9.36
C ILE A 68 0.48 -1.49 -9.86
N LEU A 69 -0.77 -1.39 -10.34
CA LEU A 69 -1.56 -2.52 -10.77
C LEU A 69 -1.82 -2.41 -12.27
N TRP A 70 -1.46 -3.44 -13.03
N TRP A 70 -1.48 -3.46 -13.02
CA TRP A 70 -1.69 -3.46 -14.46
CA TRP A 70 -1.62 -3.51 -14.45
C TRP A 70 -2.69 -4.54 -14.85
C TRP A 70 -2.65 -4.57 -14.86
N ASP A 71 -3.24 -4.37 -16.05
CA ASP A 71 -4.01 -5.46 -16.72
C ASP A 71 -5.13 -5.94 -15.81
N GLU A 72 -5.27 -7.26 -15.57
CA GLU A 72 -6.41 -7.74 -14.81
C GLU A 72 -6.46 -7.14 -13.40
N HIS A 73 -5.31 -6.83 -12.83
CA HIS A 73 -5.32 -6.26 -11.48
C HIS A 73 -5.92 -4.86 -11.48
N ASP A 74 -5.62 -4.10 -12.53
CA ASP A 74 -6.18 -2.77 -12.74
C ASP A 74 -7.67 -2.86 -13.00
N PHE A 75 -8.07 -3.66 -13.98
CA PHE A 75 -9.49 -3.76 -14.27
C PHE A 75 -10.29 -4.19 -13.05
N TYR A 76 -9.77 -5.12 -12.25
CA TYR A 76 -10.48 -5.59 -11.07
C TYR A 76 -10.62 -4.48 -10.04
N CYS A 77 -9.53 -3.77 -9.73
CA CYS A 77 -9.52 -2.91 -8.57
C CYS A 77 -9.95 -1.47 -8.81
N ARG A 78 -9.90 -0.98 -10.06
CA ARG A 78 -9.91 0.46 -10.29
CA ARG A 78 -9.91 0.46 -10.31
C ARG A 78 -11.22 1.12 -9.90
N ASN A 79 -12.33 0.40 -9.93
CA ASN A 79 -13.60 0.95 -9.50
C ASN A 79 -14.17 0.17 -8.33
N TYR A 80 -13.27 -0.39 -7.52
CA TYR A 80 -13.63 -1.27 -6.43
C TYR A 80 -12.89 -0.91 -5.14
N ILE A 81 -11.55 -0.94 -5.13
CA ILE A 81 -10.77 -0.56 -3.96
C ILE A 81 -10.81 0.95 -3.81
N LYS A 82 -11.19 1.41 -2.62
CA LYS A 82 -11.39 2.83 -2.36
C LYS A 82 -10.50 3.27 -1.22
N GLU A 83 -10.24 4.58 -1.19
CA GLU A 83 -9.54 5.16 -0.06
C GLU A 83 -10.25 4.84 1.25
N GLY A 84 -9.47 4.43 2.23
CA GLY A 84 -9.97 4.03 3.54
C GLY A 84 -10.25 2.54 3.68
N ASP A 85 -10.35 1.84 2.55
CA ASP A 85 -10.52 0.40 2.60
C ASP A 85 -9.26 -0.28 3.17
N TYR A 86 -9.46 -1.48 3.72
CA TYR A 86 -8.38 -2.36 4.10
C TYR A 86 -8.20 -3.42 3.03
N VAL A 87 -6.96 -3.76 2.76
CA VAL A 87 -6.63 -4.73 1.73
C VAL A 87 -5.65 -5.76 2.30
N VAL A 88 -5.68 -6.95 1.70
CA VAL A 88 -4.66 -7.98 1.91
C VAL A 88 -4.05 -8.26 0.56
N MET A 89 -2.73 -8.08 0.48
CA MET A 89 -1.96 -8.28 -0.75
C MET A 89 -1.11 -9.53 -0.52
N LYS A 90 -1.20 -10.49 -1.44
CA LYS A 90 -0.56 -11.78 -1.27
C LYS A 90 0.39 -12.03 -2.43
N ASN A 91 1.64 -12.34 -2.08
CA ASN A 91 2.65 -12.76 -3.04
C ASN A 91 2.95 -11.71 -4.09
N VAL A 92 2.90 -10.46 -3.68
CA VAL A 92 3.22 -9.36 -4.56
C VAL A 92 4.72 -9.10 -4.54
N ARG A 93 5.18 -8.53 -5.62
CA ARG A 93 6.58 -8.31 -5.89
C ARG A 93 6.96 -6.87 -5.54
N THR A 94 8.16 -6.70 -4.99
CA THR A 94 8.65 -5.36 -4.74
C THR A 94 9.83 -5.05 -5.65
N LYS A 95 10.05 -3.76 -5.86
CA LYS A 95 11.17 -3.29 -6.66
C LYS A 95 11.57 -1.93 -6.14
N ILE A 96 12.61 -1.39 -6.75
CA ILE A 96 13.12 -0.06 -6.47
C ILE A 96 12.93 0.77 -7.72
N ASP A 97 12.45 2.00 -7.56
CA ASP A 97 12.21 2.83 -8.73
C ASP A 97 13.50 3.57 -9.10
N HIS A 98 13.37 4.42 -10.09
CA HIS A 98 14.53 5.10 -10.63
C HIS A 98 15.25 5.96 -9.65
N LEU A 99 14.54 6.39 -8.64
CA LEU A 99 15.05 7.28 -7.63
C LEU A 99 15.39 6.59 -6.33
N GLY A 100 15.26 5.25 -6.28
CA GLY A 100 15.69 4.50 -5.14
C GLY A 100 14.62 4.13 -4.13
N TYR A 101 13.36 4.44 -4.40
CA TYR A 101 12.28 4.16 -3.45
C TYR A 101 11.65 2.81 -3.73
N LEU A 102 11.25 2.13 -2.66
CA LEU A 102 10.52 0.89 -2.73
C LEU A 102 9.16 1.12 -3.36
N GLU A 103 8.73 0.18 -4.18
CA GLU A 103 7.37 0.17 -4.67
C GLU A 103 6.95 -1.28 -4.86
N CYS A 104 5.63 -1.46 -4.94
CA CYS A 104 5.02 -2.76 -5.16
CA CYS A 104 5.03 -2.76 -5.18
C CYS A 104 4.38 -2.80 -6.55
N ILE A 105 4.54 -3.93 -7.24
CA ILE A 105 4.12 -4.06 -8.62
C ILE A 105 3.25 -5.30 -8.74
N LEU A 106 2.12 -5.16 -9.45
CA LEU A 106 1.31 -6.31 -9.85
C LEU A 106 1.20 -6.30 -11.38
N HIS A 107 2.07 -7.08 -12.01
CA HIS A 107 2.10 -7.22 -13.45
C HIS A 107 0.99 -8.16 -13.91
N GLY A 108 0.46 -7.89 -15.10
CA GLY A 108 -0.48 -8.82 -15.70
C GLY A 108 0.13 -10.19 -15.72
N ASP A 109 -0.61 -11.15 -15.28
CA ASP A 109 -0.11 -12.52 -15.13
C ASP A 109 -1.10 -13.51 -15.74
N SER A 110 -1.52 -13.34 -17.00
CA SER A 110 -2.53 -14.30 -17.63
C SER A 110 -1.95 -15.77 -17.60
N ALA A 111 -0.63 -15.96 -17.79
CA ALA A 111 -0.02 -17.33 -17.57
C ALA A 111 -0.24 -17.96 -16.12
N LYS A 112 -0.57 -17.12 -15.18
CA LYS A 112 -0.76 -17.52 -13.80
C LYS A 112 0.47 -18.15 -13.17
N ARG A 113 1.62 -17.60 -13.50
CA ARG A 113 2.88 -18.07 -12.99
C ARG A 113 3.22 -17.62 -11.56
N TYR A 114 2.75 -16.47 -11.11
CA TYR A 114 3.15 -16.00 -9.81
C TYR A 114 2.22 -16.02 -8.59
N ASN A 115 0.94 -16.31 -8.74
CA ASN A 115 -0.08 -16.41 -7.67
C ASN A 115 -0.38 -15.16 -6.80
N MET A 116 -0.36 -14.01 -7.40
CA MET A 116 -0.63 -12.83 -6.63
C MET A 116 -2.11 -12.55 -6.51
N SER A 117 -2.44 -11.83 -5.44
CA SER A 117 -3.79 -11.40 -5.29
C SER A 117 -3.88 -10.16 -4.41
N ILE A 118 -4.95 -9.44 -4.56
CA ILE A 118 -5.28 -8.34 -3.71
C ILE A 118 -6.78 -8.42 -3.52
N GLU A 119 -7.21 -8.37 -2.29
CA GLU A 119 -8.59 -8.39 -1.99
C GLU A 119 -8.91 -7.42 -0.84
N LYS A 120 -10.15 -6.99 -0.80
CA LYS A 120 -10.59 -6.13 0.25
C LYS A 120 -10.80 -6.96 1.52
N VAL A 121 -10.46 -6.40 2.67
CA VAL A 121 -10.65 -7.05 3.94
C VAL A 121 -11.78 -6.30 4.65
N ASP A 122 -12.76 -7.01 5.18
CA ASP A 122 -13.85 -6.39 5.89
C ASP A 122 -13.27 -5.68 7.06
N SER A 123 -13.70 -4.45 7.30
CA SER A 123 -13.12 -3.68 8.38
C SER A 123 -13.13 -4.24 9.80
N GLU A 124 -13.94 -5.22 10.13
CA GLU A 124 -13.91 -5.90 11.42
C GLU A 124 -12.95 -7.06 11.63
N GLU A 125 -12.24 -7.52 10.63
CA GLU A 125 -11.37 -8.60 10.82
C GLU A 125 -10.27 -8.33 11.83
N PRO A 126 -10.05 -9.24 12.75
CA PRO A 126 -8.96 -9.10 13.69
C PRO A 126 -7.54 -8.86 13.13
N GLU A 127 -7.21 -9.33 11.95
CA GLU A 127 -5.91 -9.09 11.42
C GLU A 127 -5.70 -7.62 11.20
N LEU A 128 -6.75 -6.83 11.26
CA LEU A 128 -6.56 -5.39 11.12
C LEU A 128 -6.38 -4.68 12.46
N ASN A 129 -6.42 -5.41 13.58
CA ASN A 129 -6.40 -4.74 14.87
C ASN A 129 -5.12 -3.98 15.11
N GLU A 130 -3.99 -4.47 14.61
CA GLU A 130 -2.72 -3.78 14.83
C GLU A 130 -2.62 -2.50 14.03
N ILE A 131 -3.12 -2.51 12.78
CA ILE A 131 -3.14 -1.28 12.01
C ILE A 131 -3.91 -0.21 12.74
N LYS A 132 -5.11 -0.55 13.24
CA LYS A 132 -5.96 0.41 13.91
C LYS A 132 -5.28 0.91 15.17
N SER A 133 -4.59 0.02 15.85
CA SER A 133 -3.89 0.38 17.07
C SER A 133 -2.70 1.27 16.79
N ARG A 134 -1.89 0.93 15.79
CA ARG A 134 -0.77 1.78 15.42
C ARG A 134 -1.23 3.13 14.87
N LYS A 135 -2.32 3.16 14.11
CA LYS A 135 -2.82 4.46 13.65
C LYS A 135 -3.01 5.40 14.83
N ARG A 136 -3.58 4.90 15.93
CA ARG A 136 -3.83 5.74 17.09
C ARG A 136 -2.52 6.26 17.66
N LEU A 137 -1.55 5.36 17.77
N LEU A 137 -1.50 5.42 17.63
N LEU A 137 -1.64 5.31 17.96
CA LEU A 137 -0.24 5.72 18.29
CA LEU A 137 -0.19 5.88 18.05
CA LEU A 137 -0.33 5.60 18.56
C LEU A 137 0.47 6.68 17.34
C LEU A 137 0.26 7.16 17.36
C LEU A 137 0.36 6.69 17.77
N TYR A 138 0.48 6.40 16.04
N TYR A 138 -0.29 7.49 16.19
N TYR A 138 0.13 6.64 16.49
CA TYR A 138 1.02 7.38 15.11
CA TYR A 138 0.27 8.53 15.34
CA TYR A 138 0.67 7.57 15.54
C TYR A 138 0.36 8.74 15.35
C TYR A 138 -0.52 9.83 15.28
C TYR A 138 0.04 8.90 15.56
N VAL A 139 -0.97 8.78 15.43
N VAL A 139 -1.84 9.78 15.32
N VAL A 139 -1.27 8.96 15.55
CA VAL A 139 -1.62 10.07 15.61
CA VAL A 139 -2.62 11.00 15.10
CA VAL A 139 -2.00 10.19 15.50
C VAL A 139 -1.55 10.53 17.06
C VAL A 139 -2.51 11.90 16.33
C VAL A 139 -1.96 10.97 16.82
#